data_2PPL
#
_entry.id   2PPL
#
_cell.length_a   62.871
_cell.length_b   62.871
_cell.length_c   306.280
_cell.angle_alpha   90.00
_cell.angle_beta   90.00
_cell.angle_gamma   90.00
#
_symmetry.space_group_name_H-M   'P 41 21 2'
#
loop_
_entity.id
_entity.type
_entity.pdbx_description
1 polymer 'Pancreatic lipase-related protein 1'
2 non-polymer 'CALCIUM ION'
3 non-polymer 'SODIUM ION'
4 water water
#
_entity_poly.entity_id   1
_entity_poly.type   'polypeptide(L)'
_entity_poly.pdbx_seq_one_letter_code
;APEHHHHHHDYDIPTTENLYFQGAMKEVCYEDLGCFSDTEPWGGTAIRPLKILPWSPEKIGTRFLLYTNENPNNFQILLL
SDPSTIEASNFQMDRKTRFIIHGFIDKGDESWVTDMCKKLFEVEEVNCICVDWKKGSQATYTQAANNVRVVGAQVAQMLD
ILLTEYSYPPSKVHLIGHSLGAHVAGEAGSKTPGLSRITGLDPVEASFESTPEEVRLDPSDADFVDVIHTDAAPLIPFLG
FGTNQQMGHLDFFPNGGESMPGCKKNALSQIVDLDGIWAGTRDFVACNHLRSYKYYLESILNPDGFAAYPCTSYKSFESD
KCFPCPDQGCPQMGHYADKFAGRTSEEQQKFFLNTGEASNFARWRYGVSITLSGRTATGQIKVALFGNKGNTHQYSIFRG
ILKPGSTHSYEFDAKLDVGTIDKVKFLWNNNVINPTLPKVGATKITVQKGEEKTVYNFCSEDTVREDTLLTLTPCPSLSR
STRGS
;
_entity_poly.pdbx_strand_id   A
#
loop_
_chem_comp.id
_chem_comp.type
_chem_comp.name
_chem_comp.formula
CA non-polymer 'CALCIUM ION' 'Ca 2'
NA non-polymer 'SODIUM ION' 'Na 1'
#
# COMPACT_ATOMS: atom_id res chain seq x y z
N MET A 25 11.32 -36.86 0.41
N MET A 25 11.18 -37.03 0.20
CA MET A 25 11.18 -37.94 1.46
CA MET A 25 11.15 -37.94 1.40
C MET A 25 9.74 -38.21 1.94
C MET A 25 9.72 -38.20 1.92
N LYS A 26 9.01 -37.18 2.39
CA LYS A 26 7.65 -37.36 3.00
C LYS A 26 6.48 -36.51 2.46
N GLU A 27 5.26 -37.03 2.65
CA GLU A 27 4.02 -36.49 2.07
C GLU A 27 2.82 -36.70 2.99
N VAL A 28 1.95 -35.69 3.08
CA VAL A 28 0.68 -35.79 3.79
C VAL A 28 -0.49 -35.31 2.90
N CYS A 29 -1.58 -36.08 2.86
CA CYS A 29 -2.72 -35.82 1.99
C CYS A 29 -3.98 -35.54 2.79
N TYR A 30 -4.76 -34.56 2.34
CA TYR A 30 -6.01 -34.17 3.01
C TYR A 30 -7.18 -34.14 2.04
N GLU A 31 -8.29 -34.76 2.47
CA GLU A 31 -9.52 -34.82 1.69
C GLU A 31 -9.85 -33.51 0.99
N ASP A 32 -9.98 -33.59 -0.34
CA ASP A 32 -10.35 -32.47 -1.23
C ASP A 32 -9.24 -31.46 -1.48
N LEU A 33 -8.11 -31.63 -0.80
CA LEU A 33 -7.05 -30.63 -0.85
C LEU A 33 -5.81 -31.12 -1.59
N GLY A 34 -5.67 -32.43 -1.72
CA GLY A 34 -4.51 -33.00 -2.38
C GLY A 34 -3.42 -33.35 -1.39
N CYS A 35 -2.20 -33.55 -1.90
CA CYS A 35 -1.09 -33.92 -1.05
C CYS A 35 -0.05 -32.82 -0.97
N PHE A 36 0.69 -32.82 0.12
CA PHE A 36 1.71 -31.83 0.40
C PHE A 36 2.96 -32.56 0.90
N SER A 37 4.07 -32.41 0.19
CA SER A 37 5.32 -33.10 0.57
C SER A 37 6.29 -32.08 1.13
N ASP A 38 7.26 -32.56 1.91
CA ASP A 38 8.24 -31.68 2.55
C ASP A 38 9.50 -31.53 1.70
N THR A 39 9.32 -31.60 0.38
CA THR A 39 10.42 -31.55 -0.55
C THR A 39 10.69 -30.12 -1.02
N GLU A 40 11.75 -29.96 -1.80
CA GLU A 40 12.06 -28.68 -2.43
C GLU A 40 10.93 -28.35 -3.40
N PRO A 41 10.54 -27.06 -3.47
CA PRO A 41 11.09 -25.89 -2.76
C PRO A 41 10.52 -25.62 -1.35
N TRP A 42 9.70 -26.53 -0.83
CA TRP A 42 9.00 -26.32 0.43
C TRP A 42 9.89 -26.50 1.66
N GLY A 43 10.86 -27.40 1.52
CA GLY A 43 11.75 -27.74 2.61
C GLY A 43 13.02 -28.33 2.07
N GLY A 44 14.08 -28.26 2.86
CA GLY A 44 15.39 -28.78 2.43
C GLY A 44 16.16 -27.86 1.48
N THR A 45 15.77 -26.59 1.41
CA THR A 45 16.48 -25.62 0.57
C THR A 45 17.27 -24.64 1.46
N ALA A 46 18.11 -23.82 0.84
CA ALA A 46 18.86 -22.80 1.58
C ALA A 46 17.91 -21.83 2.31
N ILE A 47 16.86 -21.38 1.63
CA ILE A 47 15.89 -20.46 2.21
C ILE A 47 14.95 -21.15 3.21
N ARG A 48 14.63 -22.41 2.94
CA ARG A 48 13.69 -23.15 3.77
C ARG A 48 14.30 -24.52 4.17
N PRO A 49 15.31 -24.49 5.04
CA PRO A 49 16.10 -25.69 5.37
C PRO A 49 15.32 -26.84 6.00
N LEU A 50 14.32 -26.53 6.82
CA LEU A 50 13.58 -27.55 7.56
C LEU A 50 12.55 -28.23 6.68
N LYS A 51 12.53 -29.56 6.70
CA LYS A 51 11.51 -30.31 5.98
C LYS A 51 10.27 -30.38 6.88
N ILE A 52 9.24 -29.67 6.47
CA ILE A 52 8.03 -29.47 7.26
C ILE A 52 6.80 -29.82 6.43
N LEU A 53 5.88 -30.56 7.05
CA LEU A 53 4.55 -30.81 6.49
C LEU A 53 3.51 -29.85 7.10
N PRO A 54 2.55 -29.37 6.28
CA PRO A 54 1.52 -28.49 6.85
C PRO A 54 0.64 -29.24 7.83
N TRP A 55 0.09 -28.52 8.79
CA TRP A 55 -0.86 -29.09 9.74
C TRP A 55 -2.13 -29.48 8.99
N SER A 56 -2.94 -30.34 9.61
CA SER A 56 -4.21 -30.77 9.04
C SER A 56 -5.23 -29.64 9.07
N PRO A 57 -6.24 -29.71 8.17
CA PRO A 57 -7.39 -28.79 8.24
C PRO A 57 -7.97 -28.70 9.65
N GLU A 58 -8.07 -29.84 10.33
CA GLU A 58 -8.70 -29.91 11.65
C GLU A 58 -7.90 -29.10 12.67
N LYS A 59 -6.59 -29.25 12.64
CA LYS A 59 -5.69 -28.50 13.52
C LYS A 59 -5.62 -27.00 13.17
N ILE A 60 -5.77 -26.66 11.88
CA ILE A 60 -5.69 -25.27 11.46
C ILE A 60 -6.99 -24.53 11.74
N GLY A 61 -8.12 -25.22 11.59
CA GLY A 61 -9.43 -24.63 11.87
C GLY A 61 -9.72 -23.36 11.08
N THR A 62 -9.55 -23.41 9.77
CA THR A 62 -9.87 -22.28 8.90
C THR A 62 -11.37 -22.05 8.86
N ARG A 63 -11.76 -20.80 9.04
CA ARG A 63 -13.17 -20.40 8.97
C ARG A 63 -13.41 -19.33 7.91
N PHE A 64 -14.53 -19.46 7.22
CA PHE A 64 -14.95 -18.49 6.23
C PHE A 64 -16.15 -17.73 6.75
N LEU A 65 -15.89 -16.48 7.13
CA LEU A 65 -16.86 -15.63 7.80
C LEU A 65 -17.36 -14.58 6.81
N LEU A 66 -18.62 -14.71 6.42
CA LEU A 66 -19.23 -13.81 5.46
C LEU A 66 -19.91 -12.63 6.16
N TYR A 67 -19.57 -11.43 5.67
CA TYR A 67 -20.29 -10.19 5.97
C TYR A 67 -20.82 -9.61 4.66
N THR A 68 -22.05 -9.11 4.69
CA THR A 68 -22.63 -8.41 3.54
C THR A 68 -23.19 -7.05 3.98
N ASN A 69 -23.56 -6.22 3.01
CA ASN A 69 -24.13 -4.94 3.32
C ASN A 69 -25.31 -5.06 4.29
N GLU A 70 -26.08 -6.15 4.14
CA GLU A 70 -27.30 -6.38 4.94
C GLU A 70 -27.01 -7.02 6.31
N ASN A 71 -25.93 -7.80 6.40
CA ASN A 71 -25.37 -8.32 7.68
C ASN A 71 -23.90 -7.83 7.85
N PRO A 72 -23.72 -6.52 8.08
CA PRO A 72 -22.38 -5.95 8.12
C PRO A 72 -21.59 -6.22 9.41
N ASN A 73 -22.28 -6.53 10.50
CA ASN A 73 -21.63 -6.57 11.82
C ASN A 73 -21.41 -7.98 12.35
N ASN A 74 -22.32 -8.89 12.00
CA ASN A 74 -22.27 -10.27 12.48
C ASN A 74 -22.09 -11.21 11.33
N PHE A 75 -21.17 -12.16 11.45
CA PHE A 75 -20.85 -13.05 10.33
C PHE A 75 -21.87 -14.17 10.13
N GLN A 76 -21.91 -14.67 8.90
CA GLN A 76 -22.53 -15.93 8.57
C GLN A 76 -21.41 -16.91 8.19
N ILE A 77 -21.44 -18.11 8.77
CA ILE A 77 -20.38 -19.09 8.46
C ILE A 77 -20.64 -19.79 7.14
N LEU A 78 -19.61 -19.85 6.29
CA LEU A 78 -19.64 -20.67 5.09
C LEU A 78 -18.76 -21.90 5.29
N LEU A 79 -19.31 -23.08 4.99
CA LEU A 79 -18.60 -24.33 5.20
C LEU A 79 -18.18 -25.03 3.91
N LEU A 80 -16.88 -25.29 3.79
CA LEU A 80 -16.33 -26.15 2.76
C LEU A 80 -17.04 -27.50 2.76
N SER A 81 -17.29 -28.05 3.95
CA SER A 81 -17.96 -29.35 4.08
C SER A 81 -19.45 -29.32 3.68
N ASP A 82 -20.05 -28.13 3.64
CA ASP A 82 -21.49 -28.02 3.36
C ASP A 82 -21.79 -26.81 2.45
N PRO A 83 -21.57 -26.97 1.13
CA PRO A 83 -21.71 -25.87 0.16
C PRO A 83 -23.08 -25.18 0.15
N SER A 84 -24.12 -25.86 0.62
CA SER A 84 -25.44 -25.23 0.68
C SER A 84 -25.49 -24.11 1.73
N THR A 85 -24.49 -24.01 2.61
CA THR A 85 -24.40 -22.86 3.54
C THR A 85 -24.28 -21.52 2.79
N ILE A 86 -23.72 -21.56 1.58
CA ILE A 86 -23.64 -20.40 0.71
C ILE A 86 -25.06 -20.00 0.32
N GLU A 87 -25.84 -20.97 -0.15
CA GLU A 87 -27.20 -20.72 -0.55
C GLU A 87 -27.99 -20.17 0.65
N ALA A 88 -27.81 -20.76 1.83
CA ALA A 88 -28.54 -20.32 3.03
C ALA A 88 -28.18 -18.92 3.46
N SER A 89 -26.96 -18.48 3.14
CA SER A 89 -26.47 -17.17 3.59
C SER A 89 -27.00 -16.02 2.74
N ASN A 90 -26.66 -14.79 3.11
N ASN A 90 -26.64 -14.81 3.14
CA ASN A 90 -27.01 -13.63 2.32
CA ASN A 90 -26.96 -13.60 2.41
C ASN A 90 -25.97 -13.31 1.23
C ASN A 90 -26.08 -13.37 1.16
N PHE A 91 -25.20 -14.33 0.86
CA PHE A 91 -24.25 -14.21 -0.28
C PHE A 91 -25.02 -13.89 -1.55
N GLN A 92 -24.63 -12.80 -2.21
CA GLN A 92 -25.31 -12.35 -3.43
C GLN A 92 -24.53 -12.69 -4.70
N MET A 93 -25.20 -13.39 -5.59
CA MET A 93 -24.57 -13.95 -6.78
C MET A 93 -24.29 -12.89 -7.86
N ASP A 94 -24.89 -11.71 -7.71
CA ASP A 94 -24.66 -10.63 -8.66
C ASP A 94 -23.78 -9.52 -8.08
N ARG A 95 -23.10 -9.81 -6.97
CA ARG A 95 -22.15 -8.84 -6.41
C ARG A 95 -20.74 -9.40 -6.49
N LYS A 96 -19.75 -8.52 -6.50
N LYS A 96 -19.77 -8.50 -6.44
CA LYS A 96 -18.37 -8.97 -6.43
CA LYS A 96 -18.35 -8.83 -6.31
C LYS A 96 -18.05 -9.47 -5.01
C LYS A 96 -18.12 -9.54 -4.98
N THR A 97 -17.01 -10.28 -4.89
CA THR A 97 -16.61 -10.84 -3.62
C THR A 97 -15.14 -10.48 -3.34
N ARG A 98 -14.88 -10.01 -2.12
CA ARG A 98 -13.51 -9.80 -1.68
C ARG A 98 -13.29 -10.68 -0.44
N PHE A 99 -12.27 -11.54 -0.53
CA PHE A 99 -11.80 -12.31 0.61
C PHE A 99 -10.69 -11.52 1.26
N ILE A 100 -10.72 -11.42 2.59
CA ILE A 100 -9.68 -10.70 3.30
C ILE A 100 -8.98 -11.65 4.26
N ILE A 101 -7.68 -11.83 4.04
CA ILE A 101 -6.88 -12.86 4.73
C ILE A 101 -5.77 -12.27 5.59
N HIS A 102 -5.82 -12.55 6.89
CA HIS A 102 -4.85 -12.00 7.82
C HIS A 102 -3.53 -12.74 7.75
N GLY A 103 -2.50 -12.14 8.32
CA GLY A 103 -1.24 -12.84 8.62
C GLY A 103 -0.91 -12.52 10.05
N PHE A 104 0.21 -11.83 10.28
CA PHE A 104 0.51 -11.31 11.60
C PHE A 104 -0.66 -10.46 12.11
N ILE A 105 -1.06 -10.69 13.35
CA ILE A 105 -2.05 -9.85 14.02
C ILE A 105 -1.45 -9.28 15.30
N ASP A 106 -1.46 -7.95 15.39
CA ASP A 106 -0.92 -7.25 16.55
C ASP A 106 -1.94 -7.25 17.68
N LYS A 107 -1.45 -7.50 18.89
CA LYS A 107 -2.27 -7.53 20.11
C LYS A 107 -3.32 -6.43 20.21
N GLY A 108 -3.03 -5.24 19.70
CA GLY A 108 -3.93 -4.09 19.82
C GLY A 108 -4.75 -3.64 18.61
N ASP A 109 -4.90 -4.52 17.62
CA ASP A 109 -5.68 -4.22 16.41
C ASP A 109 -6.11 -5.52 15.70
N GLU A 110 -6.94 -6.32 16.38
CA GLU A 110 -7.42 -7.60 15.84
C GLU A 110 -8.56 -7.46 14.82
N SER A 111 -9.20 -6.30 14.78
CA SER A 111 -10.43 -6.09 14.01
C SER A 111 -10.30 -5.27 12.72
N TRP A 112 -9.08 -5.12 12.21
CA TRP A 112 -8.87 -4.40 10.97
C TRP A 112 -9.59 -5.06 9.79
N VAL A 113 -9.71 -6.38 9.82
CA VAL A 113 -10.32 -7.13 8.74
C VAL A 113 -11.81 -6.75 8.58
N THR A 114 -12.54 -6.79 9.70
N THR A 114 -12.54 -6.79 9.69
CA THR A 114 -13.96 -6.42 9.72
CA THR A 114 -13.95 -6.40 9.68
C THR A 114 -14.14 -4.89 9.59
C THR A 114 -14.08 -4.89 9.46
N ASP A 115 -13.16 -4.10 10.01
CA ASP A 115 -13.12 -2.66 9.73
C ASP A 115 -13.02 -2.44 8.22
N MET A 116 -12.27 -3.31 7.53
CA MET A 116 -12.13 -3.21 6.09
C MET A 116 -13.43 -3.53 5.36
N CYS A 117 -14.12 -4.58 5.79
CA CYS A 117 -15.44 -4.91 5.26
C CYS A 117 -16.32 -3.67 5.35
N LYS A 118 -16.43 -3.10 6.55
CA LYS A 118 -17.34 -1.98 6.76
C LYS A 118 -16.99 -0.77 5.92
N LYS A 119 -15.69 -0.57 5.69
CA LYS A 119 -15.24 0.49 4.78
C LYS A 119 -15.68 0.21 3.35
N LEU A 120 -15.60 -1.05 2.92
CA LEU A 120 -16.04 -1.43 1.59
C LEU A 120 -17.56 -1.24 1.41
N PHE A 121 -18.34 -1.54 2.46
CA PHE A 121 -19.80 -1.35 2.41
C PHE A 121 -20.21 0.10 2.21
N GLU A 122 -19.29 1.01 2.53
CA GLU A 122 -19.55 2.43 2.36
C GLU A 122 -19.57 2.84 0.90
N VAL A 123 -18.84 2.10 0.05
CA VAL A 123 -18.70 2.50 -1.35
C VAL A 123 -19.30 1.52 -2.35
N GLU A 124 -19.67 0.34 -1.89
CA GLU A 124 -20.08 -0.74 -2.80
C GLU A 124 -20.89 -1.80 -2.09
N GLU A 125 -21.69 -2.51 -2.90
CA GLU A 125 -22.37 -3.73 -2.47
C GLU A 125 -21.46 -4.90 -2.80
N VAL A 126 -21.08 -5.65 -1.78
CA VAL A 126 -20.03 -6.65 -1.91
C VAL A 126 -20.23 -7.77 -0.89
N ASN A 127 -19.80 -8.97 -1.25
CA ASN A 127 -19.71 -10.07 -0.30
C ASN A 127 -18.31 -10.00 0.31
N CYS A 128 -18.23 -9.83 1.63
CA CYS A 128 -16.92 -9.71 2.29
C CYS A 128 -16.65 -10.97 3.10
N ILE A 129 -15.66 -11.75 2.68
CA ILE A 129 -15.36 -12.99 3.36
C ILE A 129 -14.04 -12.88 4.11
N CYS A 130 -14.11 -12.94 5.43
N CYS A 130 -14.12 -12.89 5.44
CA CYS A 130 -12.92 -12.90 6.25
CA CYS A 130 -12.95 -12.93 6.29
C CYS A 130 -12.46 -14.33 6.54
C CYS A 130 -12.50 -14.39 6.41
N VAL A 131 -11.24 -14.65 6.09
CA VAL A 131 -10.64 -15.97 6.26
C VAL A 131 -9.84 -16.02 7.57
N ASP A 132 -10.40 -16.68 8.57
CA ASP A 132 -9.77 -16.79 9.87
C ASP A 132 -9.00 -18.10 9.95
N TRP A 133 -7.68 -18.03 9.94
CA TRP A 133 -6.86 -19.19 10.14
C TRP A 133 -5.94 -19.03 11.36
N LYS A 134 -6.40 -18.30 12.38
CA LYS A 134 -5.56 -18.00 13.55
C LYS A 134 -4.89 -19.24 14.14
N LYS A 135 -5.64 -20.31 14.33
CA LYS A 135 -5.07 -21.52 14.90
C LYS A 135 -3.91 -22.03 14.03
N GLY A 136 -4.05 -21.90 12.72
CA GLY A 136 -2.99 -22.30 11.78
C GLY A 136 -1.79 -21.38 11.82
N SER A 137 -2.02 -20.09 12.04
CA SER A 137 -0.91 -19.15 12.18
C SER A 137 -0.26 -19.15 13.59
N GLN A 138 -0.97 -19.70 14.57
N GLN A 138 -0.95 -19.71 14.59
CA GLN A 138 -0.50 -19.83 15.95
CA GLN A 138 -0.42 -19.72 15.96
C GLN A 138 0.48 -21.00 16.09
C GLN A 138 0.54 -20.89 16.18
N ALA A 139 1.58 -20.92 15.37
CA ALA A 139 2.55 -22.01 15.37
C ALA A 139 3.94 -21.39 15.44
N THR A 140 4.98 -22.22 15.38
CA THR A 140 6.30 -21.68 15.11
C THR A 140 6.19 -20.88 13.80
N TYR A 141 7.15 -20.01 13.52
CA TYR A 141 7.04 -19.25 12.29
C TYR A 141 7.06 -20.17 11.07
N THR A 142 8.01 -21.09 11.04
CA THR A 142 8.22 -21.92 9.88
C THR A 142 7.07 -22.92 9.71
N GLN A 143 6.44 -23.34 10.81
CA GLN A 143 5.24 -24.16 10.70
C GLN A 143 4.08 -23.34 10.12
N ALA A 144 3.89 -22.11 10.64
CA ALA A 144 2.85 -21.22 10.13
C ALA A 144 3.04 -20.97 8.62
N ALA A 145 4.30 -20.84 8.21
CA ALA A 145 4.65 -20.52 6.82
C ALA A 145 4.28 -21.67 5.90
N ASN A 146 4.51 -22.90 6.35
CA ASN A 146 4.06 -24.08 5.62
C ASN A 146 2.55 -24.30 5.68
N ASN A 147 1.95 -23.95 6.82
CA ASN A 147 0.49 -24.08 6.98
C ASN A 147 -0.27 -23.23 5.94
N VAL A 148 0.43 -22.27 5.35
CA VAL A 148 -0.09 -21.41 4.25
C VAL A 148 -0.57 -22.22 3.03
N ARG A 149 0.11 -23.34 2.79
CA ARG A 149 -0.20 -24.26 1.71
C ARG A 149 -1.62 -24.81 1.77
N VAL A 150 -2.01 -25.22 2.98
CA VAL A 150 -3.34 -25.77 3.24
C VAL A 150 -4.40 -24.68 3.22
N VAL A 151 -4.11 -23.52 3.81
CA VAL A 151 -5.12 -22.47 3.90
C VAL A 151 -5.42 -21.95 2.50
N GLY A 152 -4.36 -21.79 1.70
CA GLY A 152 -4.50 -21.41 0.28
C GLY A 152 -5.28 -22.44 -0.52
N ALA A 153 -4.97 -23.73 -0.30
CA ALA A 153 -5.75 -24.82 -0.87
C ALA A 153 -7.24 -24.71 -0.53
N GLN A 154 -7.52 -24.36 0.72
CA GLN A 154 -8.91 -24.22 1.18
C GLN A 154 -9.62 -23.05 0.52
N VAL A 155 -8.95 -21.92 0.41
CA VAL A 155 -9.54 -20.76 -0.24
C VAL A 155 -9.85 -21.12 -1.69
N ALA A 156 -8.90 -21.81 -2.35
CA ALA A 156 -9.09 -22.29 -3.71
C ALA A 156 -10.29 -23.23 -3.81
N GLN A 157 -10.40 -24.16 -2.86
CA GLN A 157 -11.58 -25.04 -2.79
C GLN A 157 -12.89 -24.25 -2.69
N MET A 158 -12.90 -23.19 -1.88
CA MET A 158 -14.10 -22.36 -1.78
C MET A 158 -14.45 -21.72 -3.13
N LEU A 159 -13.43 -21.22 -3.84
CA LEU A 159 -13.61 -20.63 -5.17
C LEU A 159 -14.10 -21.64 -6.19
N ASP A 160 -13.62 -22.88 -6.09
CA ASP A 160 -14.16 -23.94 -6.93
C ASP A 160 -15.62 -24.30 -6.62
N ILE A 161 -15.97 -24.36 -5.33
CA ILE A 161 -17.34 -24.62 -4.91
C ILE A 161 -18.25 -23.54 -5.50
N LEU A 162 -17.82 -22.28 -5.42
CA LEU A 162 -18.64 -21.18 -5.94
C LEU A 162 -18.83 -21.30 -7.45
N LEU A 163 -17.76 -21.64 -8.16
CA LEU A 163 -17.81 -21.80 -9.61
C LEU A 163 -18.69 -22.99 -10.05
N THR A 164 -18.43 -24.17 -9.50
N THR A 164 -18.45 -24.17 -9.51
CA THR A 164 -19.13 -25.38 -9.93
CA THR A 164 -19.15 -25.37 -9.99
C THR A 164 -20.59 -25.41 -9.47
C THR A 164 -20.56 -25.55 -9.43
N GLU A 165 -20.80 -25.14 -8.19
CA GLU A 165 -22.13 -25.31 -7.56
C GLU A 165 -23.04 -24.10 -7.71
N TYR A 166 -22.45 -22.92 -7.92
CA TYR A 166 -23.24 -21.69 -7.96
C TYR A 166 -23.04 -20.88 -9.24
N SER A 167 -22.27 -21.46 -10.17
CA SER A 167 -21.92 -20.79 -11.44
C SER A 167 -21.39 -19.38 -11.19
N TYR A 168 -20.62 -19.22 -10.11
CA TYR A 168 -20.13 -17.91 -9.70
C TYR A 168 -18.63 -17.85 -9.98
N PRO A 169 -18.23 -17.12 -11.04
CA PRO A 169 -16.86 -17.18 -11.58
C PRO A 169 -15.82 -16.40 -10.76
N PRO A 170 -14.57 -16.91 -10.68
CA PRO A 170 -13.48 -16.23 -9.97
C PRO A 170 -13.08 -14.88 -10.55
N SER A 171 -13.60 -14.54 -11.73
CA SER A 171 -13.48 -13.21 -12.33
C SER A 171 -14.20 -12.17 -11.50
N LYS A 172 -15.15 -12.60 -10.68
CA LYS A 172 -15.86 -11.69 -9.77
C LYS A 172 -15.16 -11.55 -8.42
N VAL A 173 -13.96 -12.15 -8.29
CA VAL A 173 -13.34 -12.28 -6.97
C VAL A 173 -11.99 -11.60 -6.81
N HIS A 174 -11.77 -11.02 -5.62
CA HIS A 174 -10.56 -10.31 -5.25
C HIS A 174 -10.08 -10.89 -3.92
N LEU A 175 -8.81 -11.33 -3.84
CA LEU A 175 -8.24 -11.73 -2.55
C LEU A 175 -7.34 -10.64 -2.02
N ILE A 176 -7.60 -10.19 -0.80
CA ILE A 176 -6.73 -9.21 -0.15
C ILE A 176 -6.00 -9.95 0.96
N GLY A 177 -4.69 -10.07 0.84
CA GLY A 177 -3.92 -10.80 1.82
C GLY A 177 -2.83 -9.95 2.42
N HIS A 178 -2.82 -9.87 3.75
CA HIS A 178 -1.81 -9.12 4.49
C HIS A 178 -0.79 -10.05 5.09
N SER A 179 0.47 -9.63 5.06
CA SER A 179 1.51 -10.29 5.84
C SER A 179 1.67 -11.70 5.26
N LEU A 180 1.65 -12.72 6.13
CA LEU A 180 1.60 -14.13 5.69
C LEU A 180 0.34 -14.44 4.82
N GLY A 181 -0.77 -13.73 5.08
CA GLY A 181 -1.98 -13.90 4.28
C GLY A 181 -1.81 -13.58 2.79
N ALA A 182 -0.84 -12.73 2.45
CA ALA A 182 -0.53 -12.41 1.05
C ALA A 182 -0.11 -13.67 0.27
N HIS A 183 0.61 -14.56 0.92
CA HIS A 183 1.12 -15.78 0.27
C HIS A 183 0.07 -16.88 0.29
N VAL A 184 -0.85 -16.79 1.26
CA VAL A 184 -2.05 -17.62 1.25
C VAL A 184 -2.87 -17.28 -0.01
N ALA A 185 -3.11 -15.99 -0.24
CA ALA A 185 -3.76 -15.50 -1.45
C ALA A 185 -3.04 -15.98 -2.71
N GLY A 186 -1.72 -15.85 -2.74
CA GLY A 186 -0.86 -16.41 -3.80
C GLY A 186 -1.15 -17.87 -4.11
N GLU A 187 -1.16 -18.70 -3.06
CA GLU A 187 -1.46 -20.14 -3.18
C GLU A 187 -2.87 -20.38 -3.74
N ALA A 188 -3.86 -19.67 -3.23
CA ALA A 188 -5.22 -19.80 -3.72
C ALA A 188 -5.28 -19.47 -5.22
N GLY A 189 -4.62 -18.38 -5.60
CA GLY A 189 -4.65 -17.90 -6.97
C GLY A 189 -4.01 -18.87 -7.92
N SER A 190 -2.88 -19.46 -7.52
CA SER A 190 -2.19 -20.44 -8.38
C SER A 190 -3.05 -21.66 -8.74
N LYS A 191 -4.05 -21.94 -7.90
CA LYS A 191 -4.92 -23.08 -8.11
C LYS A 191 -6.27 -22.65 -8.68
N THR A 192 -6.42 -21.36 -8.95
CA THR A 192 -7.69 -20.81 -9.40
C THR A 192 -7.55 -20.00 -10.71
N PRO A 193 -7.67 -20.70 -11.85
CA PRO A 193 -7.61 -20.00 -13.14
C PRO A 193 -8.71 -18.95 -13.23
N GLY A 194 -8.36 -17.76 -13.70
CA GLY A 194 -9.33 -16.71 -13.93
C GLY A 194 -9.63 -15.85 -12.71
N LEU A 195 -8.92 -16.06 -11.61
CA LEU A 195 -9.02 -15.16 -10.45
C LEU A 195 -8.69 -13.75 -10.92
N SER A 196 -9.55 -12.78 -10.61
CA SER A 196 -9.33 -11.44 -11.16
C SER A 196 -8.23 -10.61 -10.47
N ARG A 197 -8.13 -10.66 -9.15
CA ARG A 197 -7.20 -9.79 -8.43
C ARG A 197 -6.70 -10.35 -7.11
N ILE A 198 -5.45 -10.04 -6.80
CA ILE A 198 -4.89 -10.22 -5.47
C ILE A 198 -4.22 -8.93 -5.07
N THR A 199 -4.52 -8.47 -3.86
CA THR A 199 -3.67 -7.46 -3.27
C THR A 199 -2.84 -8.08 -2.15
N GLY A 200 -1.52 -7.91 -2.26
CA GLY A 200 -0.61 -8.30 -1.20
C GLY A 200 -0.27 -7.06 -0.39
N LEU A 201 -0.62 -7.10 0.89
CA LEU A 201 -0.33 -5.99 1.78
C LEU A 201 0.87 -6.39 2.61
N ASP A 202 1.99 -5.76 2.30
CA ASP A 202 3.30 -6.07 2.88
C ASP A 202 3.54 -7.58 3.08
N PRO A 203 3.65 -8.35 1.98
CA PRO A 203 3.95 -9.78 2.08
C PRO A 203 5.25 -10.00 2.83
N VAL A 204 5.27 -11.02 3.69
CA VAL A 204 6.42 -11.27 4.55
C VAL A 204 7.63 -11.79 3.77
N GLU A 205 8.83 -11.47 4.26
CA GLU A 205 10.07 -11.91 3.64
C GLU A 205 10.42 -13.35 4.05
N ALA A 206 10.44 -13.58 5.35
CA ALA A 206 10.97 -14.82 5.92
C ALA A 206 10.30 -16.04 5.29
N SER A 207 11.11 -16.89 4.65
CA SER A 207 10.68 -18.17 4.02
C SER A 207 9.94 -18.01 2.69
N PHE A 208 9.89 -16.79 2.16
CA PHE A 208 9.18 -16.53 0.90
C PHE A 208 9.97 -15.69 -0.11
N GLU A 209 10.68 -14.67 0.38
CA GLU A 209 11.48 -13.86 -0.51
C GLU A 209 12.52 -14.72 -1.22
N SER A 210 12.58 -14.55 -2.55
CA SER A 210 13.56 -15.24 -3.43
C SER A 210 13.28 -16.73 -3.69
N THR A 211 12.18 -17.25 -3.14
CA THR A 211 11.75 -18.62 -3.42
C THR A 211 11.05 -18.66 -4.79
N PRO A 212 10.90 -19.87 -5.38
CA PRO A 212 10.20 -20.00 -6.67
C PRO A 212 8.75 -19.55 -6.63
N GLU A 213 8.25 -19.11 -7.79
N GLU A 213 8.26 -19.12 -7.78
CA GLU A 213 6.88 -18.61 -7.98
CA GLU A 213 6.91 -18.58 -7.93
C GLU A 213 5.81 -19.45 -7.27
C GLU A 213 5.81 -19.45 -7.27
N GLU A 214 6.05 -20.76 -7.22
CA GLU A 214 5.15 -21.74 -6.57
C GLU A 214 4.92 -21.49 -5.09
N VAL A 215 5.96 -20.99 -4.42
CA VAL A 215 5.97 -20.90 -2.98
C VAL A 215 5.29 -19.62 -2.49
N ARG A 216 5.35 -18.56 -3.30
CA ARG A 216 5.03 -17.21 -2.88
C ARG A 216 4.08 -16.52 -3.81
N LEU A 217 3.57 -15.36 -3.36
CA LEU A 217 2.83 -14.45 -4.21
C LEU A 217 3.68 -14.04 -5.42
N ASP A 218 3.09 -14.01 -6.62
CA ASP A 218 3.80 -13.55 -7.82
C ASP A 218 2.76 -13.18 -8.86
N PRO A 219 3.14 -12.45 -9.94
CA PRO A 219 2.09 -11.88 -10.80
C PRO A 219 1.18 -12.90 -11.51
N SER A 220 1.66 -14.12 -11.72
CA SER A 220 0.86 -15.20 -12.33
C SER A 220 -0.28 -15.74 -11.44
N ASP A 221 -0.27 -15.41 -10.16
CA ASP A 221 -1.30 -15.93 -9.25
C ASP A 221 -2.72 -15.34 -9.51
N ALA A 222 -2.81 -14.21 -10.21
CA ALA A 222 -4.09 -13.63 -10.64
C ALA A 222 -3.94 -12.76 -11.90
N ASP A 223 -5.06 -12.38 -12.53
CA ASP A 223 -5.02 -11.51 -13.71
C ASP A 223 -4.33 -10.17 -13.42
N PHE A 224 -4.55 -9.65 -12.23
CA PHE A 224 -3.93 -8.42 -11.78
C PHE A 224 -3.52 -8.63 -10.31
N VAL A 225 -2.23 -8.45 -10.04
CA VAL A 225 -1.70 -8.53 -8.68
C VAL A 225 -1.08 -7.19 -8.32
N ASP A 226 -1.55 -6.54 -7.26
CA ASP A 226 -0.92 -5.31 -6.77
C ASP A 226 -0.39 -5.50 -5.35
N VAL A 227 0.80 -4.95 -5.08
CA VAL A 227 1.48 -5.18 -3.81
C VAL A 227 1.90 -3.86 -3.17
N ILE A 228 1.60 -3.71 -1.87
CA ILE A 228 2.00 -2.53 -1.13
C ILE A 228 3.12 -2.91 -0.15
N HIS A 229 4.27 -2.24 -0.28
CA HIS A 229 5.45 -2.51 0.57
C HIS A 229 5.62 -1.41 1.61
N THR A 230 5.64 -1.81 2.88
CA THR A 230 5.75 -0.86 3.98
C THR A 230 6.79 -1.23 5.07
N ASP A 231 7.30 -2.46 5.06
CA ASP A 231 8.30 -2.88 6.06
C ASP A 231 9.40 -3.70 5.37
N ALA A 232 9.89 -3.15 4.26
CA ALA A 232 10.71 -3.88 3.29
C ALA A 232 12.24 -3.96 3.56
N ALA A 233 12.73 -3.36 4.64
CA ALA A 233 14.16 -3.54 4.98
C ALA A 233 14.46 -5.01 5.27
N PRO A 234 15.71 -5.47 5.01
CA PRO A 234 16.05 -6.84 5.36
C PRO A 234 15.67 -7.19 6.80
N LEU A 235 15.17 -8.40 7.00
CA LEU A 235 14.81 -8.89 8.34
C LEU A 235 16.02 -8.84 9.27
N ILE A 236 17.18 -9.27 8.77
CA ILE A 236 18.44 -9.18 9.52
C ILE A 236 19.40 -8.16 8.86
N PRO A 237 19.84 -7.12 9.60
CA PRO A 237 19.61 -6.78 11.01
C PRO A 237 18.46 -5.80 11.31
N PHE A 238 17.73 -5.35 10.28
CA PHE A 238 16.80 -4.23 10.43
C PHE A 238 15.41 -4.57 10.97
N LEU A 239 15.11 -5.86 11.05
CA LEU A 239 13.79 -6.34 11.48
C LEU A 239 12.60 -5.92 10.60
N GLY A 240 12.86 -5.66 9.32
CA GLY A 240 11.80 -5.42 8.37
C GLY A 240 11.11 -6.75 8.04
N PHE A 241 9.86 -6.90 8.48
CA PHE A 241 9.07 -8.11 8.24
C PHE A 241 8.68 -8.32 6.77
N GLY A 242 8.47 -7.23 6.04
CA GLY A 242 8.06 -7.30 4.67
C GLY A 242 9.23 -7.60 3.76
N THR A 243 8.93 -7.78 2.48
CA THR A 243 9.91 -8.08 1.46
C THR A 243 10.13 -6.87 0.58
N ASN A 244 11.30 -6.77 -0.04
N ASN A 244 11.30 -6.81 -0.04
CA ASN A 244 11.54 -5.73 -1.04
CA ASN A 244 11.64 -5.79 -1.01
C ASN A 244 11.37 -6.27 -2.46
C ASN A 244 11.37 -6.28 -2.43
N GLN A 245 11.17 -7.59 -2.56
CA GLN A 245 10.99 -8.25 -3.85
C GLN A 245 9.67 -7.84 -4.52
N GLN A 246 9.74 -7.50 -5.80
CA GLN A 246 8.56 -7.27 -6.63
C GLN A 246 7.76 -8.57 -6.84
N MET A 247 6.53 -8.58 -6.32
CA MET A 247 5.65 -9.74 -6.35
C MET A 247 4.33 -9.48 -7.10
N GLY A 248 4.21 -8.34 -7.75
CA GLY A 248 2.98 -8.03 -8.45
C GLY A 248 3.21 -7.43 -9.82
N HIS A 249 2.12 -7.26 -10.57
CA HIS A 249 2.17 -6.43 -11.79
C HIS A 249 2.54 -5.00 -11.42
N LEU A 250 2.07 -4.58 -10.26
CA LEU A 250 2.28 -3.24 -9.75
C LEU A 250 2.78 -3.40 -8.33
N ASP A 251 3.96 -2.85 -8.06
CA ASP A 251 4.53 -2.82 -6.72
C ASP A 251 4.73 -1.38 -6.24
N PHE A 252 4.10 -1.07 -5.11
CA PHE A 252 4.09 0.29 -4.58
C PHE A 252 4.98 0.33 -3.35
N PHE A 253 5.80 1.37 -3.24
CA PHE A 253 6.72 1.55 -2.10
C PHE A 253 6.45 2.92 -1.47
N PRO A 254 5.31 3.07 -0.77
CA PRO A 254 5.05 4.40 -0.20
C PRO A 254 6.17 4.78 0.77
N ASN A 255 6.56 6.04 0.73
CA ASN A 255 7.62 6.56 1.61
C ASN A 255 8.94 5.80 1.50
N GLY A 256 9.11 5.05 0.42
CA GLY A 256 10.35 4.30 0.19
C GLY A 256 10.18 2.83 0.45
N GLY A 257 9.07 2.46 1.09
CA GLY A 257 8.76 1.06 1.38
C GLY A 257 9.38 0.44 2.63
N GLU A 258 10.26 1.17 3.33
CA GLU A 258 11.03 0.56 4.43
C GLU A 258 10.73 1.16 5.80
N SER A 259 10.50 2.46 5.84
CA SER A 259 10.24 3.15 7.08
C SER A 259 9.15 4.18 6.87
N MET A 260 8.01 4.00 7.54
CA MET A 260 6.84 4.85 7.33
C MET A 260 6.81 6.02 8.32
N PRO A 261 6.38 7.21 7.87
CA PRO A 261 6.21 8.36 8.76
C PRO A 261 5.19 8.03 9.86
N GLY A 262 5.51 8.41 11.09
CA GLY A 262 4.68 8.09 12.24
C GLY A 262 4.99 6.76 12.92
N CYS A 263 5.84 5.94 12.32
CA CYS A 263 6.16 4.62 12.89
C CYS A 263 7.54 4.59 13.52
N LYS A 264 7.63 4.07 14.74
CA LYS A 264 8.92 3.86 15.39
C LYS A 264 9.64 2.69 14.72
N LYS A 265 10.97 2.74 14.72
CA LYS A 265 11.78 1.70 14.12
C LYS A 265 12.10 0.62 15.15
N ASN A 266 12.23 -0.60 14.67
CA ASN A 266 12.77 -1.69 15.46
C ASN A 266 14.28 -1.50 15.68
N ALA A 267 14.77 -1.93 16.83
CA ALA A 267 16.21 -1.91 17.12
C ALA A 267 16.94 -2.93 16.25
N LEU A 268 18.13 -2.55 15.78
CA LEU A 268 18.97 -3.41 14.95
C LEU A 268 19.54 -4.59 15.73
N SER A 269 19.39 -5.80 15.18
CA SER A 269 19.93 -7.00 15.82
C SER A 269 20.38 -8.08 14.82
N GLN A 270 21.49 -8.73 15.14
CA GLN A 270 21.97 -9.89 14.38
C GLN A 270 21.21 -11.15 14.78
N ILE A 271 20.56 -11.09 15.95
CA ILE A 271 19.65 -12.15 16.38
C ILE A 271 18.21 -11.73 16.13
N VAL A 272 17.49 -12.50 15.33
CA VAL A 272 16.03 -12.33 15.24
C VAL A 272 15.30 -13.59 15.74
N ASP A 273 14.43 -13.38 16.74
CA ASP A 273 13.64 -14.43 17.32
C ASP A 273 12.27 -14.39 16.66
N LEU A 274 12.22 -14.92 15.45
CA LEU A 274 10.97 -15.01 14.66
C LEU A 274 9.88 -15.74 15.41
N ASP A 275 10.20 -16.90 15.97
CA ASP A 275 9.24 -17.69 16.73
C ASP A 275 8.67 -16.86 17.86
N GLY A 276 9.54 -16.19 18.62
CA GLY A 276 9.11 -15.30 19.69
C GLY A 276 8.26 -14.12 19.22
N ILE A 277 8.72 -13.41 18.18
CA ILE A 277 7.96 -12.28 17.62
C ILE A 277 6.57 -12.72 17.14
N TRP A 278 6.55 -13.78 16.32
CA TRP A 278 5.30 -14.31 15.78
C TRP A 278 4.32 -14.78 16.86
N ALA A 279 4.87 -15.26 17.98
CA ALA A 279 4.06 -15.70 19.11
C ALA A 279 3.56 -14.52 19.94
N GLY A 280 4.27 -13.39 19.88
CA GLY A 280 3.91 -12.21 20.65
C GLY A 280 4.53 -12.23 22.04
N THR A 281 5.56 -13.06 22.21
CA THR A 281 6.28 -13.17 23.48
C THR A 281 7.46 -12.23 23.49
N ARG A 282 7.95 -11.91 22.29
CA ARG A 282 9.06 -10.99 22.13
C ARG A 282 8.60 -9.70 21.46
N ASP A 283 9.21 -8.59 21.89
CA ASP A 283 8.86 -7.26 21.40
C ASP A 283 9.18 -7.02 19.91
N PHE A 284 8.25 -6.36 19.23
CA PHE A 284 8.38 -6.06 17.80
C PHE A 284 7.52 -4.84 17.55
N VAL A 285 8.10 -3.82 16.90
CA VAL A 285 7.30 -2.69 16.52
C VAL A 285 6.67 -3.02 15.15
N ALA A 286 5.38 -3.30 15.21
CA ALA A 286 4.63 -3.80 14.07
C ALA A 286 4.16 -2.68 13.15
N CYS A 287 4.25 -1.43 13.62
CA CYS A 287 3.71 -0.27 12.89
C CYS A 287 3.93 -0.33 11.38
N ASN A 288 5.19 -0.41 10.95
CA ASN A 288 5.50 -0.41 9.53
C ASN A 288 4.74 -1.51 8.80
N HIS A 289 4.76 -2.71 9.38
CA HIS A 289 4.12 -3.88 8.78
C HIS A 289 2.60 -3.67 8.66
N LEU A 290 2.01 -3.02 9.67
CA LEU A 290 0.56 -2.74 9.70
C LEU A 290 0.13 -1.63 8.75
N ARG A 291 1.02 -0.68 8.44
CA ARG A 291 0.65 0.48 7.61
C ARG A 291 0.07 0.10 6.25
N SER A 292 0.52 -1.02 5.70
CA SER A 292 0.03 -1.47 4.39
C SER A 292 -1.50 -1.56 4.36
N TYR A 293 -2.10 -2.17 5.38
CA TYR A 293 -3.54 -2.21 5.41
C TYR A 293 -4.19 -0.87 5.79
N LYS A 294 -3.51 -0.07 6.63
CA LYS A 294 -3.99 1.26 6.97
C LYS A 294 -4.09 2.14 5.73
N TYR A 295 -3.08 2.09 4.86
CA TYR A 295 -3.17 2.87 3.62
C TYR A 295 -4.29 2.35 2.74
N TYR A 296 -4.44 1.03 2.71
CA TYR A 296 -5.50 0.44 1.90
C TYR A 296 -6.88 0.90 2.40
N LEU A 297 -7.13 0.75 3.71
CA LEU A 297 -8.35 1.26 4.34
C LEU A 297 -8.69 2.66 3.89
N GLU A 298 -7.73 3.58 4.00
CA GLU A 298 -7.99 4.97 3.64
C GLU A 298 -8.30 5.18 2.16
N SER A 299 -7.62 4.43 1.30
CA SER A 299 -7.75 4.58 -0.14
C SER A 299 -9.19 4.33 -0.61
N ILE A 300 -9.90 3.46 0.11
CA ILE A 300 -11.27 3.08 -0.26
C ILE A 300 -12.18 4.31 -0.36
N LEU A 301 -12.00 5.26 0.55
CA LEU A 301 -12.82 6.47 0.59
C LEU A 301 -12.11 7.69 0.02
N ASN A 302 -10.86 7.52 -0.41
CA ASN A 302 -10.08 8.60 -1.02
C ASN A 302 -9.51 8.10 -2.35
N PRO A 303 -10.35 8.07 -3.40
CA PRO A 303 -9.99 7.44 -4.68
C PRO A 303 -8.90 8.19 -5.46
N ASP A 304 -8.55 9.39 -5.02
CA ASP A 304 -7.44 10.12 -5.62
C ASP A 304 -6.32 10.47 -4.63
N GLY A 305 -6.37 9.91 -3.43
CA GLY A 305 -5.45 10.29 -2.37
C GLY A 305 -4.04 9.71 -2.42
N PHE A 306 -3.81 8.77 -3.33
CA PHE A 306 -2.59 7.98 -3.30
C PHE A 306 -1.97 7.75 -4.68
N ALA A 307 -1.97 8.80 -5.49
CA ALA A 307 -1.34 8.72 -6.82
C ALA A 307 0.12 8.29 -6.68
N ALA A 308 0.54 7.33 -7.50
CA ALA A 308 1.88 6.76 -7.36
C ALA A 308 2.62 6.84 -8.68
N TYR A 309 3.91 7.20 -8.61
CA TYR A 309 4.69 7.62 -9.77
C TYR A 309 5.70 6.53 -10.16
N PRO A 310 5.70 6.12 -11.44
CA PRO A 310 6.68 5.13 -11.89
C PRO A 310 8.07 5.73 -11.83
N CYS A 311 9.00 4.97 -11.27
CA CYS A 311 10.34 5.47 -11.00
C CYS A 311 11.27 4.30 -10.80
N THR A 312 12.56 4.52 -11.03
CA THR A 312 13.55 3.48 -10.83
C THR A 312 13.92 3.29 -9.35
N SER A 313 13.83 4.36 -8.55
CA SER A 313 14.14 4.27 -7.13
C SER A 313 13.49 5.38 -6.34
N TYR A 314 13.43 5.18 -5.02
CA TYR A 314 12.88 6.20 -4.14
C TYR A 314 13.78 7.44 -4.12
N LYS A 315 15.09 7.22 -4.19
CA LYS A 315 16.06 8.32 -4.25
C LYS A 315 15.84 9.20 -5.49
N SER A 316 15.59 8.55 -6.63
N SER A 316 15.57 8.57 -6.63
CA SER A 316 15.29 9.23 -7.89
CA SER A 316 15.30 9.29 -7.87
C SER A 316 14.00 10.03 -7.78
C SER A 316 13.98 10.04 -7.80
N PHE A 317 12.98 9.40 -7.20
CA PHE A 317 11.71 10.05 -6.92
C PHE A 317 11.88 11.30 -6.02
N GLU A 318 12.67 11.18 -4.95
CA GLU A 318 12.89 12.29 -4.00
C GLU A 318 13.77 13.40 -4.58
N SER A 319 14.58 13.05 -5.59
CA SER A 319 15.38 14.00 -6.37
C SER A 319 14.59 14.64 -7.51
N ASP A 320 13.27 14.45 -7.49
CA ASP A 320 12.39 15.14 -8.41
C ASP A 320 12.71 14.75 -9.86
N LYS A 321 12.91 13.46 -10.09
CA LYS A 321 13.18 12.91 -11.41
C LYS A 321 11.99 12.19 -12.05
N CYS A 322 10.95 11.90 -11.26
CA CYS A 322 9.87 11.02 -11.72
C CYS A 322 8.47 11.67 -11.68
N PHE A 323 8.41 12.95 -12.04
CA PHE A 323 7.20 13.78 -11.90
C PHE A 323 7.09 14.69 -13.13
N PRO A 324 5.84 15.00 -13.59
CA PRO A 324 4.56 14.51 -13.09
C PRO A 324 4.25 13.11 -13.63
N CYS A 325 2.99 12.70 -13.54
CA CYS A 325 2.54 11.42 -14.08
C CYS A 325 2.80 11.33 -15.60
N PRO A 326 3.15 10.13 -16.11
CA PRO A 326 3.24 9.91 -17.57
C PRO A 326 1.91 10.17 -18.28
N ASP A 327 1.95 10.15 -19.60
CA ASP A 327 0.78 10.43 -20.43
C ASP A 327 -0.44 9.59 -20.05
N GLN A 328 -0.21 8.30 -19.78
CA GLN A 328 -1.27 7.36 -19.37
C GLN A 328 -1.71 7.49 -17.91
N GLY A 329 -1.12 8.43 -17.17
CA GLY A 329 -1.55 8.70 -15.80
C GLY A 329 -0.82 7.86 -14.76
N CYS A 330 -1.07 8.19 -13.49
CA CYS A 330 -0.54 7.43 -12.36
C CYS A 330 -1.61 6.48 -11.87
N PRO A 331 -1.20 5.26 -11.47
CA PRO A 331 -2.09 4.37 -10.70
C PRO A 331 -2.30 4.95 -9.30
N GLN A 332 -3.44 4.62 -8.70
CA GLN A 332 -3.63 4.84 -7.27
C GLN A 332 -3.07 3.64 -6.52
N MET A 333 -2.32 3.87 -5.45
CA MET A 333 -1.98 2.77 -4.58
C MET A 333 -3.26 2.36 -3.86
N GLY A 334 -3.50 1.06 -3.70
CA GLY A 334 -4.60 0.58 -2.85
C GLY A 334 -5.83 0.10 -3.58
N HIS A 335 -7.01 0.44 -3.06
CA HIS A 335 -8.27 -0.11 -3.56
C HIS A 335 -8.50 0.10 -5.08
N TYR A 336 -8.22 1.30 -5.57
CA TYR A 336 -8.48 1.67 -6.97
C TYR A 336 -7.31 1.40 -7.92
N ALA A 337 -6.34 0.63 -7.46
CA ALA A 337 -5.22 0.25 -8.31
C ALA A 337 -5.66 -0.50 -9.58
N ASP A 338 -6.71 -1.33 -9.49
CA ASP A 338 -7.21 -2.08 -10.63
C ASP A 338 -7.83 -1.18 -11.72
N LYS A 339 -8.03 0.10 -11.41
CA LYS A 339 -8.56 1.04 -12.40
C LYS A 339 -7.49 1.44 -13.40
N PHE A 340 -6.22 1.21 -13.05
CA PHE A 340 -5.10 1.69 -13.83
C PHE A 340 -4.96 1.06 -15.21
N ALA A 341 -4.95 1.96 -16.20
CA ALA A 341 -4.96 1.66 -17.64
C ALA A 341 -3.65 1.08 -18.20
N GLY A 342 -2.61 1.91 -18.21
CA GLY A 342 -1.35 1.59 -18.90
C GLY A 342 -0.43 0.60 -18.22
N ARG A 343 -0.86 -0.65 -18.12
CA ARG A 343 0.01 -1.75 -17.66
C ARG A 343 0.91 -2.22 -18.80
N GLU A 347 5.00 -4.48 -17.88
CA GLU A 347 5.35 -5.80 -17.37
C GLU A 347 5.23 -5.84 -15.84
N GLN A 348 6.35 -5.60 -15.14
CA GLN A 348 6.33 -5.33 -13.72
C GLN A 348 6.76 -3.89 -13.54
N GLN A 349 5.98 -3.14 -12.80
CA GLN A 349 6.28 -1.73 -12.59
C GLN A 349 6.34 -1.33 -11.12
N LYS A 350 7.33 -0.49 -10.81
CA LYS A 350 7.65 -0.03 -9.47
C LYS A 350 7.13 1.41 -9.34
N PHE A 351 6.40 1.70 -8.26
CA PHE A 351 5.78 3.02 -8.07
C PHE A 351 6.07 3.59 -6.69
N PHE A 352 6.33 4.91 -6.65
CA PHE A 352 6.70 5.61 -5.44
C PHE A 352 5.79 6.80 -5.14
N LEU A 353 5.59 7.06 -3.86
CA LEU A 353 4.72 8.14 -3.39
C LEU A 353 5.04 8.34 -1.92
N ASN A 354 4.59 9.46 -1.37
CA ASN A 354 4.68 9.70 0.06
C ASN A 354 3.29 9.80 0.65
N THR A 355 3.16 9.43 1.92
CA THR A 355 1.88 9.53 2.64
C THR A 355 2.09 10.43 3.86
N GLY A 356 1.01 10.84 4.50
CA GLY A 356 1.09 11.50 5.79
C GLY A 356 1.59 10.57 6.88
N GLU A 357 1.86 11.15 8.05
CA GLU A 357 2.37 10.43 9.21
C GLU A 357 1.23 9.81 10.02
N ALA A 358 0.03 10.35 9.83
CA ALA A 358 -1.18 9.86 10.49
C ALA A 358 -2.35 10.13 9.58
N SER A 359 -3.51 9.60 9.95
CA SER A 359 -4.76 9.85 9.26
C SER A 359 -5.08 11.36 9.28
N ASN A 360 -5.39 12.01 8.15
CA ASN A 360 -5.46 11.40 6.81
C ASN A 360 -4.10 11.17 6.16
N PHE A 361 -3.85 9.94 5.74
CA PHE A 361 -2.59 9.62 5.09
C PHE A 361 -2.46 10.18 3.68
N ALA A 362 -3.60 10.52 3.08
CA ALA A 362 -3.61 10.96 1.69
C ALA A 362 -2.78 12.22 1.49
N ARG A 363 -2.07 12.27 0.36
CA ARG A 363 -1.25 13.43 -0.04
C ARG A 363 -1.40 13.61 -1.55
N TRP A 364 -1.18 14.85 -2.00
CA TRP A 364 -1.18 15.26 -3.41
C TRP A 364 0.13 15.98 -3.72
N ARG A 365 0.88 15.46 -4.68
CA ARG A 365 2.18 16.00 -5.03
C ARG A 365 2.07 17.14 -6.06
N TYR A 366 2.81 18.22 -5.81
CA TYR A 366 2.88 19.40 -6.67
C TYR A 366 4.33 19.71 -6.96
N GLY A 367 4.61 20.26 -8.13
CA GLY A 367 5.96 20.71 -8.44
C GLY A 367 5.95 22.19 -8.76
N VAL A 368 6.86 22.96 -8.17
CA VAL A 368 6.91 24.39 -8.47
C VAL A 368 8.32 24.88 -8.84
N SER A 369 8.38 25.95 -9.63
CA SER A 369 9.62 26.68 -9.93
C SER A 369 9.38 28.13 -9.60
N ILE A 370 10.33 28.73 -8.90
CA ILE A 370 10.24 30.11 -8.48
C ILE A 370 11.43 30.84 -9.08
N THR A 371 11.15 31.89 -9.85
CA THR A 371 12.18 32.77 -10.38
C THR A 371 12.26 34.01 -9.51
N LEU A 372 13.42 34.22 -8.90
CA LEU A 372 13.59 35.23 -7.89
C LEU A 372 13.78 36.61 -8.47
N SER A 373 13.43 37.63 -7.68
CA SER A 373 13.65 39.01 -8.07
C SER A 373 14.06 39.78 -6.81
N GLY A 374 14.24 41.09 -6.94
CA GLY A 374 14.62 41.94 -5.82
C GLY A 374 16.13 41.97 -5.67
N ARG A 375 16.62 41.96 -4.43
CA ARG A 375 18.08 41.96 -4.25
C ARG A 375 18.65 40.67 -3.69
N THR A 376 19.96 40.55 -3.75
CA THR A 376 20.65 39.38 -3.22
C THR A 376 20.47 39.34 -1.70
N ALA A 377 19.94 38.23 -1.21
CA ALA A 377 19.82 37.96 0.23
C ALA A 377 20.13 36.50 0.49
N THR A 378 19.90 36.08 1.74
CA THR A 378 20.11 34.71 2.17
C THR A 378 18.88 34.28 2.95
N GLY A 379 18.30 33.15 2.57
CA GLY A 379 17.19 32.64 3.34
C GLY A 379 16.47 31.47 2.73
N GLN A 380 15.33 31.16 3.33
CA GLN A 380 14.43 30.13 2.86
C GLN A 380 13.27 30.73 2.10
N ILE A 381 12.96 30.16 0.94
CA ILE A 381 11.79 30.57 0.14
C ILE A 381 10.69 29.50 0.24
N LYS A 382 9.47 29.95 0.49
CA LYS A 382 8.31 29.10 0.68
C LYS A 382 7.20 29.51 -0.27
N VAL A 383 6.30 28.57 -0.61
CA VAL A 383 5.14 28.82 -1.45
C VAL A 383 3.87 28.17 -0.87
N ALA A 384 2.71 28.81 -1.07
CA ALA A 384 1.41 28.23 -0.75
C ALA A 384 0.48 28.37 -1.95
N LEU A 385 -0.34 27.35 -2.19
CA LEU A 385 -1.21 27.28 -3.36
C LEU A 385 -2.64 27.52 -2.93
N PHE A 386 -3.35 28.36 -3.70
CA PHE A 386 -4.73 28.76 -3.41
C PHE A 386 -5.65 28.44 -4.58
N GLY A 387 -6.60 27.55 -4.36
CA GLY A 387 -7.49 27.09 -5.42
C GLY A 387 -8.94 27.13 -5.00
N ASN A 388 -9.84 26.67 -5.88
CA ASN A 388 -11.27 26.71 -5.57
C ASN A 388 -11.71 25.65 -4.54
N LYS A 389 -10.87 24.66 -4.28
CA LYS A 389 -11.19 23.60 -3.33
C LYS A 389 -10.61 23.85 -1.94
N GLY A 390 -9.73 24.84 -1.84
CA GLY A 390 -9.03 25.16 -0.60
C GLY A 390 -7.62 25.63 -0.89
N ASN A 391 -6.80 25.69 0.16
CA ASN A 391 -5.41 26.12 0.03
C ASN A 391 -4.48 25.26 0.87
N THR A 392 -3.24 25.18 0.43
CA THR A 392 -2.21 24.43 1.13
C THR A 392 -1.53 25.32 2.18
N HIS A 393 -0.84 24.67 3.12
N HIS A 393 -0.83 24.69 3.12
CA HIS A 393 0.15 25.34 3.97
CA HIS A 393 0.09 25.44 3.96
C HIS A 393 1.31 25.85 3.11
C HIS A 393 1.35 25.78 3.16
N GLN A 394 2.25 26.56 3.75
CA GLN A 394 3.46 27.02 3.05
C GLN A 394 4.46 25.89 3.01
N TYR A 395 5.06 25.63 1.84
CA TYR A 395 6.10 24.59 1.70
C TYR A 395 7.41 25.23 1.27
N SER A 396 8.49 24.85 1.96
CA SER A 396 9.83 25.31 1.61
C SER A 396 10.29 24.71 0.30
N ILE A 397 10.89 25.56 -0.54
CA ILE A 397 11.33 25.21 -1.88
C ILE A 397 12.86 25.18 -1.96
N PHE A 398 13.50 26.14 -1.30
CA PHE A 398 14.95 26.30 -1.32
C PHE A 398 15.36 27.11 -0.11
N ARG A 399 16.56 26.84 0.39
CA ARG A 399 17.22 27.63 1.41
C ARG A 399 18.70 27.84 1.01
N GLY A 400 19.14 29.09 0.87
CA GLY A 400 20.53 29.44 0.63
C GLY A 400 20.63 30.89 0.21
N ILE A 401 21.60 31.21 -0.65
CA ILE A 401 21.73 32.55 -1.22
C ILE A 401 20.66 32.76 -2.30
N LEU A 402 19.89 33.82 -2.12
CA LEU A 402 18.80 34.17 -3.00
C LEU A 402 19.27 35.25 -3.95
N LYS A 403 19.53 34.88 -5.20
CA LYS A 403 19.95 35.87 -6.21
C LYS A 403 18.88 36.10 -7.27
N PRO A 404 18.62 37.39 -7.60
CA PRO A 404 17.61 37.74 -8.59
C PRO A 404 17.90 37.15 -9.97
N GLY A 405 16.85 36.64 -10.62
CA GLY A 405 17.00 35.99 -11.91
C GLY A 405 17.23 34.49 -11.81
N SER A 406 17.54 34.00 -10.60
CA SER A 406 17.80 32.58 -10.47
C SER A 406 16.49 31.81 -10.28
N THR A 407 16.48 30.57 -10.77
CA THR A 407 15.30 29.72 -10.63
C THR A 407 15.57 28.54 -9.71
N HIS A 408 14.63 28.29 -8.80
CA HIS A 408 14.68 27.15 -7.91
C HIS A 408 13.41 26.35 -8.01
N SER A 409 13.55 25.05 -8.22
CA SER A 409 12.37 24.20 -8.31
C SER A 409 12.39 23.06 -7.28
N TYR A 410 11.19 22.57 -6.95
CA TYR A 410 11.03 21.60 -5.90
C TYR A 410 9.69 20.89 -6.01
N GLU A 411 9.59 19.70 -5.42
CA GLU A 411 8.31 18.97 -5.40
C GLU A 411 7.87 18.70 -3.98
N PHE A 412 6.59 18.91 -3.70
CA PHE A 412 6.13 18.69 -2.33
C PHE A 412 4.79 17.97 -2.31
N ASP A 413 4.54 17.25 -1.22
CA ASP A 413 3.32 16.50 -1.05
C ASP A 413 2.38 17.23 -0.09
N ALA A 414 1.33 17.84 -0.64
CA ALA A 414 0.38 18.63 0.14
C ALA A 414 -0.81 17.78 0.60
N LYS A 415 -1.61 18.31 1.52
CA LYS A 415 -2.64 17.52 2.19
C LYS A 415 -3.99 17.50 1.46
N LEU A 416 -4.09 18.23 0.36
CA LEU A 416 -5.34 18.28 -0.39
C LEU A 416 -5.09 18.60 -1.87
N ASP A 417 -6.06 18.23 -2.71
CA ASP A 417 -6.17 18.74 -4.07
C ASP A 417 -6.85 20.14 -4.00
N VAL A 418 -6.11 21.20 -4.31
CA VAL A 418 -6.66 22.56 -4.22
C VAL A 418 -7.61 22.93 -5.36
N GLY A 419 -7.72 22.06 -6.37
CA GLY A 419 -8.59 22.30 -7.50
C GLY A 419 -7.87 23.15 -8.52
N THR A 420 -8.61 24.07 -9.15
CA THR A 420 -8.03 25.08 -10.05
C THR A 420 -7.31 26.15 -9.22
N ILE A 421 -6.03 26.33 -9.50
CA ILE A 421 -5.24 27.27 -8.72
C ILE A 421 -5.44 28.68 -9.25
N ASP A 422 -6.01 29.54 -8.41
N ASP A 422 -6.03 29.55 -8.42
CA ASP A 422 -6.28 30.92 -8.78
CA ASP A 422 -6.25 30.94 -8.83
C ASP A 422 -5.08 31.82 -8.48
C ASP A 422 -5.11 31.88 -8.44
N LYS A 423 -4.37 31.54 -7.39
CA LYS A 423 -3.23 32.37 -6.97
C LYS A 423 -2.25 31.59 -6.11
N VAL A 424 -1.05 32.16 -5.95
CA VAL A 424 -0.02 31.59 -5.09
C VAL A 424 0.58 32.67 -4.22
N LYS A 425 1.07 32.28 -3.05
CA LYS A 425 1.74 33.21 -2.16
C LYS A 425 3.17 32.78 -1.92
N PHE A 426 4.06 33.76 -2.00
CA PHE A 426 5.49 33.57 -1.85
C PHE A 426 5.94 34.23 -0.55
N LEU A 427 6.96 33.65 0.08
CA LEU A 427 7.53 34.23 1.29
C LEU A 427 8.99 33.79 1.36
N TRP A 428 9.83 34.67 1.90
CA TRP A 428 11.21 34.33 2.24
C TRP A 428 11.50 34.73 3.70
N ASN A 429 12.36 33.95 4.36
CA ASN A 429 12.71 34.19 5.76
C ASN A 429 14.12 33.68 6.06
N ASN A 430 14.81 34.36 6.97
CA ASN A 430 16.02 33.84 7.62
C ASN A 430 16.03 34.12 9.12
N ASN A 431 17.07 33.61 9.80
CA ASN A 431 17.14 33.66 11.26
C ASN A 431 18.34 34.45 11.78
N VAL A 432 18.71 35.44 10.98
CA VAL A 432 19.87 36.28 11.18
C VAL A 432 19.36 37.72 11.05
N ILE A 433 19.99 38.66 11.75
CA ILE A 433 19.59 40.07 11.70
C ILE A 433 20.13 40.68 10.42
N ASN A 434 19.23 41.29 9.65
CA ASN A 434 19.57 41.95 8.40
C ASN A 434 19.27 43.45 8.53
N PRO A 435 20.28 44.24 8.93
CA PRO A 435 20.10 45.65 9.29
C PRO A 435 19.48 46.53 8.20
N THR A 436 19.67 46.17 6.92
CA THR A 436 19.27 47.07 5.83
C THR A 436 17.95 46.69 5.15
N LEU A 437 17.24 45.74 5.74
CA LEU A 437 15.86 45.43 5.36
C LEU A 437 15.68 45.14 3.87
N PRO A 438 16.40 44.12 3.34
CA PRO A 438 16.29 43.82 1.91
C PRO A 438 14.93 43.25 1.51
N LYS A 439 14.57 43.44 0.25
CA LYS A 439 13.34 42.92 -0.31
C LYS A 439 13.65 41.95 -1.44
N VAL A 440 12.97 40.81 -1.37
CA VAL A 440 13.06 39.74 -2.37
C VAL A 440 11.65 39.47 -2.85
N GLY A 441 11.51 39.19 -4.13
CA GLY A 441 10.25 38.74 -4.68
C GLY A 441 10.41 37.56 -5.62
N ALA A 442 9.35 37.26 -6.37
CA ALA A 442 9.40 36.30 -7.45
C ALA A 442 8.79 36.93 -8.68
N THR A 443 9.46 36.88 -9.82
CA THR A 443 8.86 37.40 -11.04
C THR A 443 7.87 36.41 -11.59
N LYS A 444 8.16 35.13 -11.36
CA LYS A 444 7.38 34.05 -11.94
C LYS A 444 7.39 32.84 -11.03
N ILE A 445 6.23 32.22 -10.90
CA ILE A 445 6.10 30.92 -10.25
C ILE A 445 5.23 30.01 -11.10
N THR A 446 5.78 28.86 -11.46
CA THR A 446 5.03 27.87 -12.21
C THR A 446 4.66 26.73 -11.28
N VAL A 447 3.44 26.24 -11.41
CA VAL A 447 2.95 25.13 -10.60
C VAL A 447 2.45 23.99 -11.47
N GLN A 448 2.89 22.78 -11.16
CA GLN A 448 2.44 21.59 -11.85
C GLN A 448 1.82 20.57 -10.88
N LYS A 449 0.56 20.22 -11.12
CA LYS A 449 -0.06 19.14 -10.37
C LYS A 449 0.31 17.81 -11.02
N GLY A 450 0.48 16.78 -10.18
CA GLY A 450 0.94 15.47 -10.66
C GLY A 450 0.12 14.86 -11.77
N GLU A 451 -1.19 15.02 -11.68
CA GLU A 451 -2.09 14.30 -12.57
C GLU A 451 -2.70 15.17 -13.66
N GLU A 452 -2.41 16.46 -13.63
CA GLU A 452 -2.88 17.40 -14.63
C GLU A 452 -1.78 17.78 -15.63
N LYS A 453 -2.16 17.84 -16.90
CA LYS A 453 -1.24 18.16 -17.98
C LYS A 453 -0.90 19.65 -18.04
N THR A 454 -1.83 20.48 -17.57
CA THR A 454 -1.66 21.94 -17.65
C THR A 454 -0.73 22.53 -16.56
N VAL A 455 0.23 23.34 -16.98
CA VAL A 455 1.06 24.06 -16.02
C VAL A 455 0.43 25.43 -15.77
N TYR A 456 0.41 25.86 -14.52
CA TYR A 456 -0.08 27.18 -14.16
C TYR A 456 1.10 28.14 -13.99
N ASN A 457 0.97 29.34 -14.56
CA ASN A 457 2.03 30.35 -14.45
C ASN A 457 1.51 31.57 -13.70
N PHE A 458 2.23 31.97 -12.65
CA PHE A 458 1.89 33.15 -11.87
C PHE A 458 3.02 34.17 -11.92
N CYS A 459 2.63 35.45 -11.93
CA CYS A 459 3.55 36.54 -12.17
C CYS A 459 3.40 37.65 -11.13
N SER A 460 4.46 38.43 -10.94
CA SER A 460 4.44 39.63 -10.12
C SER A 460 5.64 40.49 -10.46
N GLU A 461 5.49 41.80 -10.34
N GLU A 461 5.49 41.81 -10.37
CA GLU A 461 6.60 42.76 -10.45
CA GLU A 461 6.61 42.72 -10.45
C GLU A 461 7.13 43.13 -9.06
C GLU A 461 6.84 43.40 -9.09
N ASP A 462 6.36 42.73 -8.04
CA ASP A 462 6.58 43.18 -6.66
C ASP A 462 7.65 42.39 -5.95
N THR A 463 8.19 42.98 -4.88
CA THR A 463 9.09 42.30 -3.95
C THR A 463 8.56 42.54 -2.55
N VAL A 464 8.97 41.71 -1.60
CA VAL A 464 8.52 41.83 -0.21
C VAL A 464 9.65 41.81 0.83
N ARG A 465 9.41 42.52 1.93
CA ARG A 465 10.21 42.38 3.15
C ARG A 465 10.19 40.93 3.65
N GLU A 466 11.17 40.59 4.49
CA GLU A 466 11.33 39.27 5.08
C GLU A 466 10.05 38.84 5.78
N ASP A 467 9.72 37.54 5.67
CA ASP A 467 8.59 36.95 6.41
C ASP A 467 7.25 37.64 6.13
N THR A 468 7.02 37.97 4.86
CA THR A 468 5.84 38.74 4.46
C THR A 468 5.33 38.13 3.16
N LEU A 469 4.03 37.91 3.08
CA LEU A 469 3.42 37.18 1.98
C LEU A 469 3.23 38.02 0.75
N LEU A 470 3.82 37.60 -0.36
CA LEU A 470 3.60 38.21 -1.66
C LEU A 470 2.60 37.36 -2.46
N THR A 471 1.51 37.97 -2.89
CA THR A 471 0.50 37.27 -3.69
C THR A 471 0.74 37.40 -5.19
N LEU A 472 0.90 36.27 -5.87
CA LEU A 472 1.04 36.25 -7.33
C LEU A 472 -0.24 35.74 -7.99
N THR A 473 -0.66 36.45 -9.04
CA THR A 473 -1.86 36.14 -9.81
C THR A 473 -1.45 35.63 -11.20
N PRO A 474 -2.38 35.05 -11.96
CA PRO A 474 -2.02 34.49 -13.27
C PRO A 474 -1.31 35.45 -14.20
N CYS A 475 -0.30 34.92 -14.89
CA CYS A 475 0.48 35.68 -15.86
C CYS A 475 -0.39 36.15 -17.03
N PRO A 476 -0.17 37.40 -17.48
CA PRO A 476 -0.89 37.95 -18.63
C PRO A 476 -0.52 37.24 -19.92
CA CA B . 2.73 -17.93 -6.77
NA NA C . -29.23 -16.87 0.15
NA NA D . 12.36 -7.69 5.15
CA CA E . 13.24 36.32 10.07
CA CA F . 16.46 38.45 9.06
NA NA G . -8.82 -25.18 -7.91
#